data_3VFZ
#
_entry.id   3VFZ
#
_cell.length_a   80.430
_cell.length_b   35.700
_cell.length_c   50.920
_cell.angle_alpha   90.00
_cell.angle_beta   122.59
_cell.angle_gamma   90.00
#
_symmetry.space_group_name_H-M   'C 1 2 1'
#
loop_
_entity.id
_entity.type
_entity.pdbx_description
1 polymer 'Probable RNA polymerase sigma-D factor'
2 water water
#
_entity_poly.entity_id   1
_entity_poly.type   'polypeptide(L)'
_entity_poly.pdbx_seq_one_letter_code
;(MSE)GSSHHHHHHSQDP(MSE)AIEADSVTR(MSE)NELLEILPAKQREILILRVVVGLSAEETAAAVGSTTGAVRVAQ
HRALQRLKDEIVAAGDYA
;
_entity_poly.pdbx_strand_id   A,B
#
# COMPACT_ATOMS: atom_id res chain seq x y z
N ASP A 20 0.95 4.37 -14.93
CA ASP A 20 0.70 4.97 -13.61
C ASP A 20 0.98 3.92 -12.53
N SER A 21 1.89 4.25 -11.62
CA SER A 21 2.32 3.33 -10.57
C SER A 21 1.19 2.83 -9.66
N VAL A 22 0.25 3.70 -9.34
CA VAL A 22 -0.89 3.31 -8.51
C VAL A 22 -1.83 2.39 -9.30
N THR A 23 -1.94 2.65 -10.60
CA THR A 23 -2.70 1.80 -11.50
C THR A 23 -2.15 0.37 -11.51
N ARG A 24 -0.83 0.23 -11.61
CA ARG A 24 -0.19 -1.08 -11.56
C ARG A 24 -0.43 -1.73 -10.21
N MSE A 25 -0.27 -0.96 -9.14
CA MSE A 25 -0.54 -1.45 -7.81
C MSE A 25 -1.95 -2.03 -7.66
O MSE A 25 -2.13 -3.07 -7.04
CB MSE A 25 -0.40 -0.35 -6.77
CG MSE A 25 -0.81 -0.86 -5.41
SE MSE A 25 -1.27 0.60 -4.22
CE MSE A 25 -1.50 -0.40 -2.55
N ASN A 26 -2.95 -1.32 -8.18
CA ASN A 26 -4.32 -1.80 -8.03
C ASN A 26 -4.55 -3.07 -8.84
N GLU A 27 -3.92 -3.16 -10.00
CA GLU A 27 -4.01 -4.36 -10.84
C GLU A 27 -3.38 -5.57 -10.14
N LEU A 28 -2.25 -5.35 -9.48
CA LEU A 28 -1.64 -6.37 -8.63
C LEU A 28 -2.56 -6.76 -7.49
N LEU A 29 -3.05 -5.76 -6.75
CA LEU A 29 -3.94 -6.03 -5.62
C LEU A 29 -5.17 -6.81 -6.08
N GLU A 30 -5.64 -6.53 -7.28
CA GLU A 30 -6.83 -7.22 -7.81
C GLU A 30 -6.58 -8.71 -8.03
N ILE A 31 -5.32 -9.12 -7.86
CA ILE A 31 -4.92 -10.51 -7.98
C ILE A 31 -5.18 -11.28 -6.67
N LEU A 32 -5.27 -10.54 -5.57
CA LEU A 32 -5.45 -11.10 -4.23
C LEU A 32 -6.92 -11.28 -3.87
N PRO A 33 -7.21 -12.19 -2.93
CA PRO A 33 -8.55 -12.25 -2.33
C PRO A 33 -8.88 -10.89 -1.71
N ALA A 34 -10.15 -10.51 -1.76
CA ALA A 34 -10.60 -9.24 -1.20
C ALA A 34 -10.03 -8.98 0.19
N LYS A 35 -10.04 -10.00 1.04
CA LYS A 35 -9.66 -9.83 2.44
C LYS A 35 -8.19 -9.44 2.58
N GLN A 36 -7.36 -10.01 1.71
CA GLN A 36 -5.95 -9.72 1.72
C GLN A 36 -5.69 -8.30 1.19
N ARG A 37 -6.44 -7.87 0.18
CA ARG A 37 -6.29 -6.51 -0.33
C ARG A 37 -6.60 -5.53 0.79
N GLU A 38 -7.71 -5.78 1.45
CA GLU A 38 -8.18 -4.95 2.54
C GLU A 38 -7.14 -4.86 3.64
N ILE A 39 -6.57 -6.01 4.03
CA ILE A 39 -5.54 -6.04 5.07
C ILE A 39 -4.31 -5.25 4.69
N LEU A 40 -3.80 -5.45 3.48
CA LEU A 40 -2.59 -4.74 3.05
C LEU A 40 -2.82 -3.23 3.00
N ILE A 41 -3.96 -2.81 2.46
CA ILE A 41 -4.26 -1.38 2.43
C ILE A 41 -4.31 -0.78 3.85
N LEU A 42 -5.00 -1.45 4.75
CA LEU A 42 -5.11 -1.03 6.15
C LEU A 42 -3.75 -0.97 6.89
N ARG A 43 -2.95 -2.03 6.75
CA ARG A 43 -1.66 -2.11 7.43
C ARG A 43 -0.64 -1.13 6.84
N VAL A 44 -0.59 -1.07 5.52
CA VAL A 44 0.55 -0.43 4.85
C VAL A 44 0.24 1.02 4.52
N VAL A 45 -0.87 1.27 3.83
CA VAL A 45 -1.21 2.61 3.39
C VAL A 45 -1.79 3.45 4.50
N VAL A 46 -2.73 2.88 5.23
CA VAL A 46 -3.37 3.61 6.31
C VAL A 46 -2.53 3.54 7.58
N GLY A 47 -1.93 2.39 7.84
CA GLY A 47 -0.96 2.28 8.93
C GLY A 47 -1.49 1.67 10.21
N LEU A 48 -2.67 1.02 10.13
CA LEU A 48 -3.18 0.24 11.25
C LEU A 48 -2.16 -0.81 11.65
N SER A 49 -2.09 -1.11 12.95
CA SER A 49 -1.28 -2.21 13.44
C SER A 49 -2.01 -3.50 13.11
N ALA A 50 -1.34 -4.62 13.33
CA ALA A 50 -1.96 -5.91 13.08
C ALA A 50 -3.21 -6.07 13.95
N GLU A 51 -3.12 -5.58 15.19
CA GLU A 51 -4.22 -5.73 16.14
C GLU A 51 -5.41 -4.85 15.74
N GLU A 52 -5.12 -3.62 15.34
CA GLU A 52 -6.16 -2.69 14.92
C GLU A 52 -6.83 -3.17 13.65
N THR A 53 -6.03 -3.77 12.76
CA THR A 53 -6.56 -4.32 11.51
C THR A 53 -7.51 -5.48 11.78
N ALA A 54 -7.10 -6.39 12.65
CA ALA A 54 -7.95 -7.52 13.03
C ALA A 54 -9.28 -7.01 13.62
N ALA A 55 -9.18 -6.00 14.48
CA ALA A 55 -10.40 -5.40 15.04
C ALA A 55 -11.24 -4.78 13.93
N ALA A 56 -10.59 -4.10 12.99
CA ALA A 56 -11.31 -3.40 11.94
C ALA A 56 -12.08 -4.36 11.03
N VAL A 57 -11.46 -5.51 10.73
CA VAL A 57 -12.02 -6.41 9.73
C VAL A 57 -12.70 -7.65 10.34
N GLY A 58 -12.78 -7.71 11.67
CA GLY A 58 -13.41 -8.83 12.34
C GLY A 58 -12.67 -10.14 12.18
N SER A 59 -11.36 -10.13 12.47
CA SER A 59 -10.55 -11.35 12.46
C SER A 59 -9.75 -11.46 13.74
N THR A 60 -8.86 -12.44 13.81
CA THR A 60 -7.88 -12.48 14.87
C THR A 60 -6.59 -11.88 14.34
N THR A 61 -5.70 -11.49 15.24
CA THR A 61 -4.40 -10.98 14.84
C THR A 61 -3.62 -12.09 14.11
N GLY A 62 -3.75 -13.31 14.61
CA GLY A 62 -3.14 -14.47 13.97
C GLY A 62 -3.61 -14.65 12.55
N ALA A 63 -4.92 -14.49 12.32
CA ALA A 63 -5.45 -14.61 10.97
C ALA A 63 -4.91 -13.48 10.07
N VAL A 64 -4.77 -12.28 10.62
CA VAL A 64 -4.24 -11.15 9.85
C VAL A 64 -2.78 -11.42 9.48
N ARG A 65 -1.98 -11.93 10.42
CA ARG A 65 -0.60 -12.29 10.11
C ARG A 65 -0.50 -13.34 9.00
N VAL A 66 -1.34 -14.38 9.07
CA VAL A 66 -1.34 -15.41 8.03
C VAL A 66 -1.72 -14.88 6.67
N ALA A 67 -2.79 -14.07 6.63
CA ALA A 67 -3.21 -13.42 5.40
C ALA A 67 -2.12 -12.53 4.82
N GLN A 68 -1.37 -11.85 5.69
CA GLN A 68 -0.25 -10.99 5.25
C GLN A 68 0.78 -11.84 4.55
N HIS A 69 1.15 -12.94 5.18
CA HIS A 69 2.12 -13.88 4.60
C HIS A 69 1.65 -14.39 3.26
N ARG A 70 0.41 -14.85 3.18
CA ARG A 70 -0.12 -15.37 1.92
C ARG A 70 -0.12 -14.28 0.84
N ALA A 71 -0.49 -13.07 1.22
CA ALA A 71 -0.53 -11.94 0.27
C ALA A 71 0.85 -11.59 -0.28
N LEU A 72 1.84 -11.44 0.58
CA LEU A 72 3.16 -11.03 0.10
C LEU A 72 3.75 -12.09 -0.83
N GLN A 73 3.44 -13.35 -0.55
CA GLN A 73 3.93 -14.44 -1.39
C GLN A 73 3.32 -14.39 -2.79
N ARG A 74 2.02 -14.17 -2.88
CA ARG A 74 1.34 -14.04 -4.17
C ARG A 74 1.88 -12.82 -4.91
N LEU A 75 2.03 -11.71 -4.20
CA LEU A 75 2.57 -10.51 -4.81
C LEU A 75 4.00 -10.74 -5.29
N LYS A 76 4.82 -11.34 -4.45
CA LYS A 76 6.21 -11.57 -4.83
C LYS A 76 6.24 -12.41 -6.10
N ASP A 77 5.42 -13.45 -6.14
CA ASP A 77 5.30 -14.30 -7.34
C ASP A 77 5.05 -13.46 -8.60
N GLU A 78 4.02 -12.60 -8.56
CA GLU A 78 3.63 -11.78 -9.70
C GLU A 78 4.75 -10.85 -10.12
N ILE A 79 5.32 -10.15 -9.14
CA ILE A 79 6.38 -9.18 -9.43
C ILE A 79 7.59 -9.85 -10.06
N VAL A 80 8.02 -10.96 -9.47
CA VAL A 80 9.16 -11.72 -10.00
C VAL A 80 8.90 -12.21 -11.42
N ALA A 81 7.76 -12.86 -11.64
CA ALA A 81 7.40 -13.33 -12.97
C ALA A 81 7.14 -12.15 -13.91
N ASP B 20 8.91 -8.43 10.59
CA ASP B 20 7.66 -8.35 9.85
C ASP B 20 7.81 -7.43 8.63
N SER B 21 7.65 -7.99 7.45
CA SER B 21 7.76 -7.21 6.22
C SER B 21 6.63 -6.16 6.11
N VAL B 22 5.42 -6.55 6.49
CA VAL B 22 4.31 -5.59 6.37
C VAL B 22 4.57 -4.38 7.26
N THR B 23 5.10 -4.64 8.45
CA THR B 23 5.49 -3.56 9.35
C THR B 23 6.52 -2.64 8.68
N ARG B 24 7.54 -3.23 8.06
CA ARG B 24 8.55 -2.42 7.40
C ARG B 24 7.94 -1.61 6.27
N MSE B 25 7.02 -2.24 5.54
CA MSE B 25 6.31 -1.53 4.47
C MSE B 25 5.55 -0.31 4.98
O MSE B 25 5.56 0.76 4.34
CB MSE B 25 5.37 -2.49 3.76
CG MSE B 25 6.15 -3.58 3.07
SE MSE B 25 5.02 -4.98 2.35
CE MSE B 25 4.25 -3.96 0.89
N ASN B 26 4.88 -0.44 6.11
CA ASN B 26 4.18 0.73 6.64
C ASN B 26 5.19 1.83 7.01
N GLU B 27 6.29 1.46 7.67
CA GLU B 27 7.33 2.42 8.03
C GLU B 27 7.90 3.13 6.81
N LEU B 28 8.05 2.39 5.71
CA LEU B 28 8.61 2.96 4.49
C LEU B 28 7.76 4.10 3.96
N LEU B 29 6.46 4.10 4.30
CA LEU B 29 5.56 5.20 3.94
C LEU B 29 5.55 6.27 5.02
N GLU B 30 5.65 5.86 6.28
CA GLU B 30 5.70 6.80 7.40
C GLU B 30 6.86 7.78 7.22
N ILE B 31 8.00 7.27 6.79
CA ILE B 31 9.20 8.09 6.72
C ILE B 31 9.18 9.03 5.53
N LEU B 32 8.23 8.83 4.63
CA LEU B 32 8.01 9.78 3.53
C LEU B 32 7.70 11.15 4.10
N PRO B 33 8.16 12.21 3.41
CA PRO B 33 7.70 13.55 3.79
C PRO B 33 6.18 13.59 3.77
N ALA B 34 5.57 14.27 4.73
CA ALA B 34 4.12 14.27 4.90
C ALA B 34 3.36 14.25 3.58
N LYS B 35 3.71 15.17 2.68
CA LYS B 35 3.02 15.33 1.40
C LYS B 35 3.02 14.05 0.55
N GLN B 36 4.01 13.19 0.76
CA GLN B 36 4.12 11.95 -0.01
C GLN B 36 3.19 10.83 0.47
N ARG B 37 3.12 10.60 1.77
CA ARG B 37 2.20 9.58 2.27
C ARG B 37 0.74 9.98 2.04
N GLU B 38 0.45 11.27 2.09
CA GLU B 38 -0.90 11.71 1.83
C GLU B 38 -1.30 11.37 0.39
N ILE B 39 -0.36 11.48 -0.52
CA ILE B 39 -0.64 11.19 -1.92
C ILE B 39 -1.17 9.78 -2.12
N LEU B 40 -0.59 8.79 -1.45
CA LEU B 40 -1.07 7.42 -1.56
C LEU B 40 -2.44 7.24 -0.91
N ILE B 41 -2.66 7.91 0.21
CA ILE B 41 -3.96 7.82 0.85
C ILE B 41 -5.03 8.34 -0.10
N LEU B 42 -4.77 9.51 -0.70
CA LEU B 42 -5.71 10.11 -1.64
C LEU B 42 -5.97 9.24 -2.89
N ARG B 43 -4.89 8.67 -3.42
CA ARG B 43 -4.99 7.85 -4.63
C ARG B 43 -5.65 6.53 -4.32
N VAL B 44 -5.22 5.90 -3.23
CA VAL B 44 -5.63 4.53 -2.94
C VAL B 44 -6.91 4.47 -2.12
N VAL B 45 -6.95 5.21 -1.02
CA VAL B 45 -8.09 5.19 -0.10
C VAL B 45 -9.25 6.05 -0.58
N VAL B 46 -8.98 7.31 -0.92
CA VAL B 46 -10.04 8.20 -1.38
C VAL B 46 -10.37 7.97 -2.86
N GLY B 47 -9.39 7.50 -3.62
CA GLY B 47 -9.63 7.20 -5.02
C GLY B 47 -9.57 8.37 -5.98
N LEU B 48 -8.74 9.37 -5.67
CA LEU B 48 -8.57 10.50 -6.57
C LEU B 48 -7.63 10.12 -7.70
N SER B 49 -7.74 10.83 -8.82
CA SER B 49 -6.80 10.65 -9.92
C SER B 49 -5.51 11.36 -9.59
N ALA B 50 -4.47 11.13 -10.38
CA ALA B 50 -3.21 11.83 -10.18
C ALA B 50 -3.40 13.34 -10.21
N GLU B 51 -4.19 13.82 -11.16
CA GLU B 51 -4.40 15.26 -11.32
C GLU B 51 -5.18 15.87 -10.15
N GLU B 52 -6.20 15.16 -9.69
CA GLU B 52 -7.00 15.60 -8.56
C GLU B 52 -6.16 15.66 -7.27
N THR B 53 -5.32 14.64 -7.09
CA THR B 53 -4.42 14.59 -5.94
C THR B 53 -3.46 15.78 -6.00
N ALA B 54 -2.88 16.01 -7.17
CA ALA B 54 -2.01 17.17 -7.38
C ALA B 54 -2.71 18.45 -6.95
N ALA B 55 -3.96 18.60 -7.39
CA ALA B 55 -4.76 19.76 -7.00
C ALA B 55 -4.87 19.85 -5.48
N ALA B 56 -5.10 18.71 -4.83
CA ALA B 56 -5.34 18.69 -3.38
C ALA B 56 -4.09 19.02 -2.57
N VAL B 57 -2.94 18.50 -2.99
CA VAL B 57 -1.71 18.74 -2.21
C VAL B 57 -0.91 19.96 -2.69
N GLY B 58 -1.39 20.61 -3.75
CA GLY B 58 -0.78 21.83 -4.25
C GLY B 58 0.48 21.67 -5.08
N SER B 59 0.69 20.48 -5.63
CA SER B 59 1.86 20.22 -6.46
C SER B 59 1.44 20.07 -7.92
N THR B 60 2.40 19.79 -8.80
CA THR B 60 2.07 19.47 -10.17
C THR B 60 1.74 18.00 -10.25
N THR B 61 1.06 17.59 -11.30
CA THR B 61 0.77 16.19 -11.52
C THR B 61 2.05 15.37 -11.63
N GLY B 62 3.07 15.96 -12.24
CA GLY B 62 4.35 15.29 -12.39
C GLY B 62 4.96 14.92 -11.05
N ALA B 63 4.96 15.88 -10.14
CA ALA B 63 5.44 15.67 -8.78
C ALA B 63 4.69 14.52 -8.10
N VAL B 64 3.38 14.48 -8.29
CA VAL B 64 2.57 13.38 -7.73
C VAL B 64 2.99 12.04 -8.31
N ARG B 65 3.21 11.99 -9.62
CA ARG B 65 3.61 10.74 -10.24
C ARG B 65 4.95 10.29 -9.69
N VAL B 66 5.90 11.21 -9.60
CA VAL B 66 7.20 10.86 -9.04
C VAL B 66 7.06 10.31 -7.61
N ALA B 67 6.28 11.01 -6.79
CA ALA B 67 6.08 10.61 -5.40
C ALA B 67 5.45 9.24 -5.27
N GLN B 68 4.43 8.97 -6.08
CA GLN B 68 3.73 7.70 -5.95
C GLN B 68 4.59 6.56 -6.44
N HIS B 69 5.44 6.84 -7.41
CA HIS B 69 6.38 5.81 -7.87
C HIS B 69 7.43 5.53 -6.83
N ARG B 70 7.99 6.58 -6.24
CA ARG B 70 9.06 6.37 -5.27
C ARG B 70 8.53 5.48 -4.17
N ALA B 71 7.31 5.76 -3.74
CA ALA B 71 6.70 5.05 -2.63
C ALA B 71 6.45 3.60 -2.98
N LEU B 72 5.86 3.39 -4.15
CA LEU B 72 5.49 2.04 -4.54
C LEU B 72 6.71 1.20 -4.93
N GLN B 73 7.75 1.84 -5.47
CA GLN B 73 8.99 1.13 -5.75
C GLN B 73 9.62 0.60 -4.46
N ARG B 74 9.57 1.40 -3.40
CA ARG B 74 10.09 0.96 -2.12
C ARG B 74 9.33 -0.25 -1.57
N LEU B 75 8.03 -0.28 -1.79
CA LEU B 75 7.21 -1.40 -1.32
C LEU B 75 7.52 -2.64 -2.16
N LYS B 76 7.62 -2.43 -3.45
CA LYS B 76 7.94 -3.50 -4.37
C LYS B 76 9.25 -4.16 -3.98
N ASP B 77 10.25 -3.35 -3.62
CA ASP B 77 11.56 -3.90 -3.26
C ASP B 77 11.50 -4.73 -1.98
N GLU B 78 10.67 -4.31 -1.02
CA GLU B 78 10.58 -5.00 0.25
C GLU B 78 9.81 -6.33 0.12
N ILE B 79 8.79 -6.34 -0.72
CA ILE B 79 8.06 -7.56 -1.03
C ILE B 79 8.97 -8.62 -1.64
N VAL B 80 9.72 -8.24 -2.66
CA VAL B 80 10.63 -9.17 -3.33
C VAL B 80 11.75 -9.65 -2.39
N ALA B 81 12.22 -8.77 -1.51
CA ALA B 81 13.29 -9.12 -0.57
C ALA B 81 12.81 -10.01 0.58
N ALA B 82 11.50 -10.14 0.74
CA ALA B 82 10.92 -10.99 1.78
C ALA B 82 11.25 -12.46 1.56
#